data_3THA
#
_entry.id   3THA
#
_cell.length_a   91.969
_cell.length_b   91.969
_cell.length_c   120.020
_cell.angle_alpha   90.000
_cell.angle_beta   90.000
_cell.angle_gamma   120.000
#
_symmetry.space_group_name_H-M   'P 31 2 1'
#
loop_
_entity.id
_entity.type
_entity.pdbx_description
1 polymer 'Tryptophan synthase alpha chain'
2 water water
#
_entity_poly.entity_id   1
_entity_poly.type   'polypeptide(L)'
_entity_poly.pdbx_seq_one_letter_code
;SNA(MSE)VDFRKFYKENANVAYTVLGYPNLQTSEAFLQRLDQSPIDILELGVAYSDPIADGEIIADAAKIALDQGVDIH
SVFELLARIKTKKALVF(MSE)VYYNLIFSYGLEKFVKKAKSLGICALIVPELSFEESDDLIKECERYNIALITLVSVTT
PKERVKKLVKHAKGFIYLLASIGITGTKSVEEAILQDKVKEIRSFTNLPIFVGFGIQNNQDVKR(MSE)RKVADGVIVGT
SIVKCFKQGNLDII(MSE)KDIEEIFKK
;
_entity_poly.pdbx_strand_id   A,B
#
# COMPACT_ATOMS: atom_id res chain seq x y z
N ALA A 3 -24.05 -3.22 -20.31
CA ALA A 3 -24.83 -3.75 -19.15
C ALA A 3 -23.91 -3.97 -17.95
N MSE A 4 -24.46 -3.93 -16.73
CA MSE A 4 -23.68 -4.28 -15.54
C MSE A 4 -23.23 -5.76 -15.57
O MSE A 4 -24.02 -6.69 -15.75
CB MSE A 4 -24.42 -3.92 -14.24
CG MSE A 4 -23.71 -4.34 -12.92
SE MSE A 4 -22.21 -3.20 -12.38
CE MSE A 4 -23.09 -1.91 -11.19
N VAL A 5 -21.92 -5.91 -15.42
CA VAL A 5 -21.16 -7.15 -15.30
C VAL A 5 -21.70 -8.31 -14.41
N ASP A 6 -21.83 -9.49 -15.01
CA ASP A 6 -22.02 -10.75 -14.26
C ASP A 6 -20.74 -11.61 -14.33
N PHE A 7 -19.94 -11.58 -13.28
CA PHE A 7 -18.65 -12.29 -13.26
C PHE A 7 -18.74 -13.82 -13.35
N ARG A 8 -19.91 -14.37 -13.05
CA ARG A 8 -20.12 -15.81 -13.19
C ARG A 8 -20.05 -16.24 -14.64
N LYS A 9 -20.13 -15.25 -15.53
CA LYS A 9 -20.03 -15.45 -16.98
C LYS A 9 -18.59 -15.66 -17.50
N PHE A 10 -17.60 -15.29 -16.69
CA PHE A 10 -16.18 -15.29 -17.11
C PHE A 10 -15.35 -16.54 -16.74
N TYR A 11 -15.97 -17.47 -16.04
CA TYR A 11 -15.36 -18.74 -15.65
C TYR A 11 -16.45 -19.80 -15.49
N LYS A 12 -16.00 -21.05 -15.45
CA LYS A 12 -16.89 -22.18 -15.28
C LYS A 12 -16.85 -22.62 -13.84
N GLU A 13 -15.80 -23.34 -13.46
CA GLU A 13 -15.77 -23.97 -12.14
C GLU A 13 -15.26 -23.01 -11.07
N ASN A 14 -14.12 -22.39 -11.33
CA ASN A 14 -13.48 -21.47 -10.41
C ASN A 14 -12.61 -20.50 -11.21
N ALA A 15 -12.68 -19.21 -10.87
CA ALA A 15 -12.04 -18.17 -11.65
C ALA A 15 -10.55 -18.04 -11.35
N ASN A 16 -9.74 -18.10 -12.40
CA ASN A 16 -8.34 -17.68 -12.35
C ASN A 16 -8.25 -16.15 -12.46
N VAL A 17 -7.82 -15.53 -11.39
CA VAL A 17 -7.63 -14.09 -11.34
C VAL A 17 -6.15 -13.77 -11.13
N ALA A 18 -5.67 -12.85 -11.96
CA ALA A 18 -4.31 -12.40 -11.89
C ALA A 18 -4.27 -10.87 -11.84
N TYR A 19 -3.15 -10.39 -11.32
CA TYR A 19 -2.86 -9.03 -11.19
C TYR A 19 -1.53 -8.74 -11.86
N THR A 20 -1.47 -7.64 -12.60
CA THR A 20 -0.22 -7.22 -13.16
C THR A 20 -0.03 -5.70 -13.02
N VAL A 21 1.20 -5.21 -12.98
CA VAL A 21 1.44 -3.79 -13.06
C VAL A 21 1.62 -3.36 -14.51
N LEU A 22 0.74 -2.51 -15.05
CA LEU A 22 0.93 -2.10 -16.43
C LEU A 22 2.16 -1.23 -16.54
N GLY A 23 2.90 -1.47 -17.60
CA GLY A 23 4.13 -0.75 -17.76
C GLY A 23 5.30 -1.49 -17.18
N TYR A 24 5.10 -2.61 -16.46
CA TYR A 24 6.28 -3.38 -16.00
C TYR A 24 6.65 -4.66 -16.82
N PRO A 25 7.88 -4.72 -17.33
CA PRO A 25 8.97 -3.73 -17.21
C PRO A 25 8.88 -2.66 -18.31
N ASN A 26 7.88 -2.76 -19.17
CA ASN A 26 7.64 -1.76 -20.17
C ASN A 26 6.25 -2.02 -20.75
N LEU A 27 5.74 -0.96 -21.38
CA LEU A 27 4.40 -0.87 -21.84
C LEU A 27 4.22 -1.86 -22.98
N GLN A 28 5.28 -2.05 -23.76
CA GLN A 28 5.19 -2.93 -24.89
CA GLN A 28 5.16 -2.95 -24.89
C GLN A 28 5.10 -4.38 -24.40
N THR A 29 5.71 -4.67 -23.24
CA THR A 29 5.55 -6.00 -22.63
C THR A 29 4.07 -6.21 -22.20
N SER A 30 3.50 -5.24 -21.47
CA SER A 30 2.06 -5.25 -21.12
C SER A 30 1.17 -5.46 -22.32
N GLU A 31 1.45 -4.72 -23.38
CA GLU A 31 0.73 -4.79 -24.64
C GLU A 31 0.72 -6.22 -25.17
N ALA A 32 1.91 -6.77 -25.41
CA ALA A 32 2.04 -8.13 -25.84
C ALA A 32 1.38 -9.12 -24.89
N PHE A 33 1.53 -8.86 -23.58
CA PHE A 33 0.87 -9.71 -22.63
C PHE A 33 -0.62 -9.68 -22.86
N LEU A 34 -1.19 -8.48 -22.94
CA LEU A 34 -2.67 -8.33 -23.11
C LEU A 34 -3.16 -8.96 -24.40
N GLN A 35 -2.28 -8.98 -25.40
CA GLN A 35 -2.64 -9.54 -26.68
C GLN A 35 -2.69 -11.02 -26.63
N ARG A 36 -2.12 -11.62 -25.60
CA ARG A 36 -2.08 -13.08 -25.47
C ARG A 36 -2.95 -13.55 -24.34
N LEU A 37 -3.65 -12.61 -23.73
CA LEU A 37 -4.49 -12.91 -22.61
C LEU A 37 -5.51 -13.98 -22.97
N ASP A 38 -6.15 -13.81 -24.12
CA ASP A 38 -7.02 -14.83 -24.71
C ASP A 38 -6.52 -16.29 -24.67
N GLN A 39 -5.21 -16.51 -24.87
CA GLN A 39 -4.64 -17.87 -24.76
C GLN A 39 -3.92 -18.19 -23.43
N SER A 40 -4.06 -17.32 -22.43
CA SER A 40 -3.65 -17.67 -21.07
C SER A 40 -4.83 -18.28 -20.31
N PRO A 41 -4.57 -18.89 -19.14
CA PRO A 41 -5.64 -19.44 -18.30
C PRO A 41 -6.27 -18.42 -17.40
N ILE A 42 -5.84 -17.17 -17.51
CA ILE A 42 -6.39 -16.11 -16.69
C ILE A 42 -7.79 -15.78 -17.22
N ASP A 43 -8.78 -15.78 -16.32
CA ASP A 43 -10.15 -15.41 -16.67
C ASP A 43 -10.40 -13.93 -16.40
N ILE A 44 -9.78 -13.40 -15.35
CA ILE A 44 -9.98 -12.00 -14.97
C ILE A 44 -8.60 -11.41 -14.65
N LEU A 45 -8.36 -10.21 -15.19
CA LEU A 45 -7.08 -9.56 -15.06
C LEU A 45 -7.32 -8.27 -14.40
N GLU A 46 -6.70 -8.06 -13.23
CA GLU A 46 -6.68 -6.76 -12.58
C GLU A 46 -5.50 -5.96 -13.15
N LEU A 47 -5.80 -4.80 -13.70
CA LEU A 47 -4.78 -3.99 -14.29
C LEU A 47 -4.32 -3.01 -13.23
N GLY A 48 -3.10 -3.18 -12.72
CA GLY A 48 -2.55 -2.24 -11.77
C GLY A 48 -2.06 -0.99 -12.46
N VAL A 49 -2.57 0.18 -12.11
CA VAL A 49 -2.02 1.36 -12.74
C VAL A 49 -1.31 2.26 -11.78
N ALA A 50 -0.01 2.38 -11.94
CA ALA A 50 0.78 3.32 -11.11
C ALA A 50 0.50 4.86 -11.35
N TYR A 51 0.33 5.63 -10.26
CA TYR A 51 0.20 7.11 -10.30
C TYR A 51 1.26 7.87 -9.44
N SER A 52 1.38 7.47 -8.17
CA SER A 52 2.47 7.96 -7.27
C SER A 52 3.48 6.84 -6.95
N ASP A 53 4.69 7.22 -6.52
CA ASP A 53 5.65 6.24 -5.95
C ASP A 53 5.19 5.77 -4.57
N PRO A 54 5.36 4.46 -4.24
CA PRO A 54 5.18 3.84 -2.91
C PRO A 54 6.17 4.29 -1.83
N ILE A 55 5.86 4.00 -0.57
CA ILE A 55 6.43 4.77 0.51
C ILE A 55 7.49 4.10 1.39
N ALA A 56 7.10 3.37 2.44
CA ALA A 56 8.07 2.87 3.47
C ALA A 56 8.66 1.50 3.15
N ASP A 57 8.70 1.16 1.86
CA ASP A 57 8.68 -0.22 1.36
C ASP A 57 10.04 -0.78 0.86
N GLY A 58 9.99 -1.43 -0.31
CA GLY A 58 11.13 -2.03 -0.99
C GLY A 58 10.71 -3.23 -1.88
N GLU A 59 9.40 -3.56 -1.89
CA GLU A 59 8.87 -4.93 -2.29
C GLU A 59 8.42 -5.19 -3.75
N ILE A 60 7.97 -6.42 -4.02
CA ILE A 60 7.67 -6.86 -5.40
C ILE A 60 6.75 -5.90 -6.16
N ILE A 61 5.53 -5.71 -5.69
CA ILE A 61 4.60 -4.85 -6.44
C ILE A 61 5.08 -3.43 -6.44
N ALA A 62 5.62 -2.97 -5.32
CA ALA A 62 6.07 -1.58 -5.26
C ALA A 62 7.18 -1.24 -6.27
N ASP A 63 8.21 -2.08 -6.39
CA ASP A 63 9.29 -1.77 -7.36
C ASP A 63 8.88 -1.75 -8.86
N ALA A 64 7.99 -2.65 -9.24
CA ALA A 64 7.49 -2.68 -10.61
C ALA A 64 6.82 -1.37 -10.91
N ALA A 65 6.05 -0.91 -9.93
CA ALA A 65 5.27 0.33 -10.09
C ALA A 65 6.13 1.58 -10.34
N LYS A 66 7.28 1.69 -9.66
CA LYS A 66 8.23 2.81 -9.85
C LYS A 66 8.91 2.74 -11.19
N ILE A 67 9.24 1.52 -11.59
CA ILE A 67 9.84 1.30 -12.87
C ILE A 67 8.79 1.70 -13.88
N ALA A 68 7.57 1.23 -13.70
CA ALA A 68 6.57 1.59 -14.67
C ALA A 68 6.50 3.11 -14.79
N LEU A 69 6.81 3.81 -13.72
CA LEU A 69 6.62 5.27 -13.74
C LEU A 69 7.69 5.94 -14.61
N ASP A 70 8.92 5.48 -14.45
CA ASP A 70 10.04 6.02 -15.18
C ASP A 70 9.88 5.83 -16.70
N GLN A 71 9.30 4.71 -17.08
CA GLN A 71 9.00 4.41 -18.44
C GLN A 71 8.06 5.47 -19.03
N GLY A 72 7.64 6.45 -18.24
CA GLY A 72 6.68 7.46 -18.69
C GLY A 72 5.27 6.89 -18.78
N VAL A 73 5.02 5.82 -18.04
CA VAL A 73 3.70 5.18 -18.06
C VAL A 73 2.76 5.90 -17.12
N ASP A 74 1.54 6.10 -17.60
CA ASP A 74 0.53 6.75 -16.81
C ASP A 74 -0.78 6.33 -17.39
N ILE A 75 -1.81 6.83 -16.76
CA ILE A 75 -3.17 6.46 -17.05
C ILE A 75 -3.52 6.68 -18.49
N HIS A 76 -3.07 7.81 -19.05
CA HIS A 76 -3.33 8.17 -20.44
C HIS A 76 -2.72 7.14 -21.40
N SER A 77 -1.43 6.82 -21.23
CA SER A 77 -0.86 5.76 -22.10
C SER A 77 -1.59 4.43 -21.90
N VAL A 78 -2.09 4.22 -20.68
CA VAL A 78 -2.82 3.00 -20.37
C VAL A 78 -4.11 2.94 -21.13
N PHE A 79 -4.94 3.96 -20.90
CA PHE A 79 -6.10 4.21 -21.76
C PHE A 79 -5.82 4.03 -23.23
N GLU A 80 -4.77 4.69 -23.74
CA GLU A 80 -4.42 4.56 -25.17
C GLU A 80 -4.19 3.11 -25.57
N LEU A 81 -3.55 2.34 -24.68
CA LEU A 81 -3.19 0.93 -24.95
C LEU A 81 -4.44 0.10 -24.95
N LEU A 82 -5.30 0.36 -23.98
CA LEU A 82 -6.53 -0.36 -23.92
C LEU A 82 -7.30 -0.25 -25.21
N ALA A 83 -7.21 0.87 -25.94
CA ALA A 83 -7.88 0.96 -27.27
C ALA A 83 -7.36 -0.06 -28.26
N ARG A 84 -6.10 -0.42 -28.11
CA ARG A 84 -5.43 -1.23 -29.11
C ARG A 84 -5.58 -2.73 -28.91
N ILE A 85 -6.10 -3.10 -27.74
CA ILE A 85 -6.15 -4.47 -27.25
C ILE A 85 -7.45 -5.13 -27.64
N LYS A 86 -7.42 -6.41 -27.95
CA LYS A 86 -8.67 -7.17 -27.96
C LYS A 86 -8.58 -8.40 -27.05
N THR A 87 -9.50 -8.46 -26.08
CA THR A 87 -9.61 -9.59 -25.24
C THR A 87 -11.08 -9.88 -24.89
N LYS A 88 -11.40 -11.16 -24.80
CA LYS A 88 -12.68 -11.58 -24.23
C LYS A 88 -12.66 -11.67 -22.67
N LYS A 89 -11.50 -11.57 -22.05
CA LYS A 89 -11.43 -11.81 -20.60
C LYS A 89 -11.91 -10.56 -19.85
N ALA A 90 -12.27 -10.67 -18.58
CA ALA A 90 -12.72 -9.50 -17.90
C ALA A 90 -11.49 -8.67 -17.50
N LEU A 91 -11.65 -7.35 -17.58
CA LEU A 91 -10.58 -6.45 -17.23
C LEU A 91 -11.06 -5.61 -16.10
N VAL A 92 -10.22 -5.43 -15.09
CA VAL A 92 -10.61 -4.77 -13.90
C VAL A 92 -9.46 -3.85 -13.50
N PHE A 93 -9.75 -2.56 -13.36
CA PHE A 93 -8.76 -1.65 -12.88
C PHE A 93 -8.47 -1.81 -11.40
N MSE A 94 -7.21 -1.73 -11.01
CA MSE A 94 -6.89 -1.60 -9.61
C MSE A 94 -5.99 -0.38 -9.39
O MSE A 94 -4.77 -0.41 -9.71
CB MSE A 94 -6.26 -2.86 -9.09
CG MSE A 94 -5.96 -2.80 -7.63
SE MSE A 94 -5.74 -4.58 -6.90
CE MSE A 94 -4.36 -3.95 -5.76
N VAL A 95 -6.59 0.69 -8.90
CA VAL A 95 -5.91 1.97 -8.84
C VAL A 95 -6.22 2.67 -7.52
N TYR A 96 -5.28 3.47 -7.02
CA TYR A 96 -5.59 4.33 -5.84
C TYR A 96 -6.52 5.47 -6.22
N TYR A 97 -7.21 5.99 -5.21
CA TYR A 97 -8.21 6.99 -5.42
C TYR A 97 -7.59 8.23 -5.96
N ASN A 98 -6.33 8.50 -5.59
CA ASN A 98 -5.66 9.73 -6.02
C ASN A 98 -5.60 9.87 -7.55
N LEU A 99 -5.52 8.75 -8.23
CA LEU A 99 -5.34 8.74 -9.66
C LEU A 99 -6.71 9.00 -10.27
N ILE A 100 -7.79 8.62 -9.59
CA ILE A 100 -9.16 8.89 -10.08
C ILE A 100 -9.54 10.38 -9.88
N PHE A 101 -9.31 10.83 -8.64
CA PHE A 101 -9.52 12.20 -8.21
C PHE A 101 -8.84 13.17 -9.17
N SER A 102 -7.63 12.84 -9.61
CA SER A 102 -6.89 13.75 -10.45
C SER A 102 -7.35 13.70 -11.91
N TYR A 103 -7.88 12.59 -12.37
CA TYR A 103 -8.36 12.56 -13.71
C TYR A 103 -9.75 13.16 -13.81
N GLY A 104 -10.50 13.16 -12.72
CA GLY A 104 -11.92 13.49 -12.67
C GLY A 104 -12.77 12.23 -12.58
N LEU A 105 -13.66 12.14 -11.59
CA LEU A 105 -14.35 10.88 -11.29
C LEU A 105 -15.25 10.39 -12.39
N GLU A 106 -16.16 11.26 -12.86
CA GLU A 106 -17.02 10.91 -13.98
C GLU A 106 -16.24 10.61 -15.26
N LYS A 107 -15.34 11.52 -15.66
CA LYS A 107 -14.47 11.29 -16.80
CA LYS A 107 -14.42 11.30 -16.77
C LYS A 107 -13.78 9.91 -16.68
N PHE A 108 -13.15 9.63 -15.55
CA PHE A 108 -12.44 8.35 -15.41
C PHE A 108 -13.37 7.14 -15.57
N VAL A 109 -14.52 7.19 -14.91
CA VAL A 109 -15.42 6.08 -14.96
C VAL A 109 -15.94 5.90 -16.40
N LYS A 110 -16.12 7.03 -17.09
CA LYS A 110 -16.59 7.04 -18.45
C LYS A 110 -15.56 6.47 -19.39
N LYS A 111 -14.27 6.89 -19.30
CA LYS A 111 -13.24 6.26 -20.14
C LYS A 111 -13.12 4.77 -19.87
N ALA A 112 -13.20 4.39 -18.60
CA ALA A 112 -12.89 3.03 -18.23
C ALA A 112 -13.89 2.12 -18.90
N LYS A 113 -15.15 2.49 -18.71
CA LYS A 113 -16.27 1.85 -19.35
C LYS A 113 -16.11 1.79 -20.86
N SER A 114 -15.85 2.94 -21.48
CA SER A 114 -15.71 3.00 -22.93
C SER A 114 -14.64 2.02 -23.42
N LEU A 115 -13.65 1.74 -22.57
CA LEU A 115 -12.50 0.92 -22.98
C LEU A 115 -12.57 -0.56 -22.55
N GLY A 116 -13.75 -1.05 -22.21
CA GLY A 116 -13.85 -2.44 -21.79
C GLY A 116 -13.63 -2.78 -20.30
N ILE A 117 -13.36 -1.80 -19.46
CA ILE A 117 -13.20 -2.13 -18.04
C ILE A 117 -14.57 -2.40 -17.46
N CYS A 118 -14.69 -3.44 -16.66
CA CYS A 118 -15.97 -3.79 -16.12
C CYS A 118 -16.03 -3.59 -14.60
N ALA A 119 -14.90 -3.26 -13.96
CA ALA A 119 -14.94 -3.02 -12.55
C ALA A 119 -13.75 -2.31 -12.05
N LEU A 120 -13.88 -1.74 -10.86
CA LEU A 120 -12.79 -1.02 -10.22
C LEU A 120 -12.57 -1.57 -8.84
N ILE A 121 -11.31 -1.72 -8.46
CA ILE A 121 -10.95 -1.99 -7.09
C ILE A 121 -10.12 -0.83 -6.73
N VAL A 122 -10.40 -0.24 -5.59
CA VAL A 122 -9.73 0.98 -5.17
C VAL A 122 -9.21 0.76 -3.78
N PRO A 123 -7.99 0.23 -3.69
CA PRO A 123 -7.39 -0.12 -2.41
C PRO A 123 -7.53 1.05 -1.48
N GLU A 124 -7.86 0.78 -0.23
CA GLU A 124 -7.81 1.75 0.83
C GLU A 124 -8.93 2.80 0.74
N LEU A 125 -9.79 2.72 -0.27
CA LEU A 125 -10.99 3.55 -0.23
C LEU A 125 -12.07 2.78 0.54
N SER A 126 -12.34 3.24 1.75
CA SER A 126 -13.38 2.62 2.56
C SER A 126 -14.82 2.90 2.04
N PHE A 127 -15.74 2.03 2.47
CA PHE A 127 -17.16 2.10 2.13
C PHE A 127 -17.72 3.49 2.42
N GLU A 128 -17.44 4.00 3.61
CA GLU A 128 -17.92 5.33 4.04
C GLU A 128 -17.45 6.54 3.20
N GLU A 129 -16.36 6.36 2.46
CA GLU A 129 -15.75 7.42 1.64
C GLU A 129 -16.09 7.21 0.17
N SER A 130 -16.81 6.14 -0.13
CA SER A 130 -16.95 5.70 -1.49
C SER A 130 -18.14 6.25 -2.21
N ASP A 131 -18.83 7.17 -1.57
CA ASP A 131 -20.17 7.53 -1.98
C ASP A 131 -20.25 8.13 -3.34
N ASP A 132 -19.47 9.16 -3.59
CA ASP A 132 -19.48 9.82 -4.86
C ASP A 132 -18.97 8.87 -5.96
N LEU A 133 -17.96 8.05 -5.67
CA LEU A 133 -17.42 7.18 -6.70
C LEU A 133 -18.45 6.11 -7.03
N ILE A 134 -19.18 5.69 -6.01
CA ILE A 134 -20.33 4.83 -6.15
C ILE A 134 -21.44 5.40 -7.09
N LYS A 135 -21.78 6.69 -6.96
CA LYS A 135 -22.83 7.32 -7.81
C LYS A 135 -22.46 7.06 -9.26
N GLU A 136 -21.24 7.50 -9.57
CA GLU A 136 -20.67 7.44 -10.91
C GLU A 136 -20.55 6.02 -11.49
N CYS A 137 -20.15 5.06 -10.66
CA CYS A 137 -19.98 3.67 -11.15
C CYS A 137 -21.33 3.10 -11.51
N GLU A 138 -22.33 3.42 -10.72
CA GLU A 138 -23.69 2.89 -10.87
C GLU A 138 -24.28 3.43 -12.17
N ARG A 139 -24.12 4.73 -12.34
CA ARG A 139 -24.58 5.46 -13.51
C ARG A 139 -24.01 4.93 -14.81
N TYR A 140 -22.82 4.35 -14.76
CA TYR A 140 -22.17 3.92 -15.98
C TYR A 140 -22.09 2.39 -16.00
N ASN A 141 -22.67 1.76 -14.98
CA ASN A 141 -22.69 0.30 -14.90
C ASN A 141 -21.34 -0.35 -14.71
N ILE A 142 -20.60 0.12 -13.73
CA ILE A 142 -19.30 -0.42 -13.48
C ILE A 142 -19.36 -0.81 -12.04
N ALA A 143 -18.81 -1.98 -11.72
CA ALA A 143 -18.85 -2.45 -10.34
C ALA A 143 -17.63 -1.87 -9.58
N LEU A 144 -17.88 -1.27 -8.44
CA LEU A 144 -16.80 -0.88 -7.57
C LEU A 144 -16.70 -2.05 -6.56
N ILE A 145 -15.61 -2.84 -6.64
CA ILE A 145 -15.46 -4.05 -5.82
C ILE A 145 -15.42 -3.82 -4.32
N THR A 146 -16.26 -4.56 -3.61
CA THR A 146 -16.30 -4.51 -2.15
C THR A 146 -15.23 -5.46 -1.62
N LEU A 147 -14.47 -4.96 -0.67
CA LEU A 147 -13.35 -5.68 -0.13
C LEU A 147 -13.69 -6.21 1.27
N VAL A 148 -13.57 -7.51 1.49
CA VAL A 148 -13.71 -8.11 2.81
C VAL A 148 -12.43 -8.86 3.25
N SER A 149 -12.20 -8.89 4.56
CA SER A 149 -11.12 -9.66 5.16
C SER A 149 -11.62 -10.71 6.15
N VAL A 150 -10.75 -11.66 6.55
CA VAL A 150 -11.11 -12.65 7.55
C VAL A 150 -11.23 -11.99 8.92
N THR A 151 -10.67 -10.79 9.04
CA THR A 151 -10.70 -10.02 10.30
C THR A 151 -11.88 -9.05 10.37
N THR A 152 -12.59 -8.90 9.25
CA THR A 152 -13.82 -8.13 9.21
C THR A 152 -14.88 -8.84 10.06
N PRO A 153 -15.42 -8.17 11.13
CA PRO A 153 -16.51 -8.77 11.94
C PRO A 153 -17.82 -8.98 11.15
N LYS A 154 -18.56 -10.02 11.47
CA LYS A 154 -19.83 -10.39 10.82
C LYS A 154 -20.79 -9.25 10.45
N GLU A 155 -21.15 -8.40 11.39
CA GLU A 155 -22.13 -7.35 11.06
C GLU A 155 -21.63 -6.32 10.06
N ARG A 156 -20.32 -6.10 10.02
CA ARG A 156 -19.78 -5.20 9.00
C ARG A 156 -19.78 -5.90 7.64
N VAL A 157 -19.51 -7.22 7.63
CA VAL A 157 -19.67 -8.00 6.39
C VAL A 157 -21.05 -7.70 5.77
N LYS A 158 -22.12 -7.79 6.58
CA LYS A 158 -23.52 -7.64 6.13
C LYS A 158 -23.78 -6.29 5.52
N LYS A 159 -23.44 -5.26 6.25
CA LYS A 159 -23.49 -3.88 5.75
C LYS A 159 -22.77 -3.72 4.40
N LEU A 160 -21.60 -4.33 4.26
CA LEU A 160 -20.78 -4.15 3.07
C LEU A 160 -21.24 -4.89 1.84
N VAL A 161 -21.89 -6.04 2.02
CA VAL A 161 -22.20 -6.90 0.84
C VAL A 161 -23.63 -6.74 0.34
N LYS A 162 -24.46 -6.14 1.18
CA LYS A 162 -25.90 -5.99 0.90
C LYS A 162 -26.12 -5.44 -0.49
N HIS A 163 -25.42 -4.36 -0.85
CA HIS A 163 -25.58 -3.72 -2.16
C HIS A 163 -24.35 -3.88 -3.07
N ALA A 164 -23.54 -4.91 -2.86
CA ALA A 164 -22.30 -5.05 -3.66
C ALA A 164 -22.61 -5.53 -5.05
N LYS A 165 -21.74 -5.21 -6.00
CA LYS A 165 -21.90 -5.63 -7.40
C LYS A 165 -20.62 -6.27 -7.84
N GLY A 166 -20.66 -7.09 -8.90
CA GLY A 166 -19.45 -7.70 -9.47
C GLY A 166 -19.03 -8.93 -8.69
N PHE A 167 -18.13 -8.75 -7.74
CA PHE A 167 -17.71 -9.85 -6.87
C PHE A 167 -17.17 -9.37 -5.54
N ILE A 168 -17.08 -10.29 -4.59
CA ILE A 168 -16.55 -9.99 -3.28
C ILE A 168 -15.07 -10.38 -3.23
N TYR A 169 -14.21 -9.38 -3.02
CA TYR A 169 -12.78 -9.59 -2.84
C TYR A 169 -12.58 -9.98 -1.38
N LEU A 170 -12.22 -11.24 -1.14
CA LEU A 170 -11.96 -11.73 0.19
C LEU A 170 -10.43 -11.84 0.46
N LEU A 171 -9.95 -11.14 1.49
CA LEU A 171 -8.54 -11.24 1.91
C LEU A 171 -8.29 -12.35 2.90
N ALA A 172 -7.39 -13.26 2.55
CA ALA A 172 -7.01 -14.31 3.47
C ALA A 172 -5.98 -13.81 4.48
N SER A 173 -5.62 -14.69 5.42
CA SER A 173 -4.43 -14.57 6.23
C SER A 173 -3.49 -15.75 5.93
N ILE A 174 -2.20 -15.54 6.23
CA ILE A 174 -1.19 -16.65 6.29
C ILE A 174 -0.70 -16.80 7.76
N GLY A 175 -0.95 -15.76 8.55
CA GLY A 175 -0.52 -15.75 9.95
C GLY A 175 -1.43 -15.14 11.00
N ILE A 176 -2.65 -15.68 11.18
CA ILE A 176 -3.41 -15.38 12.40
C ILE A 176 -2.97 -16.33 13.53
N THR A 177 -2.69 -17.58 13.18
CA THR A 177 -2.31 -18.58 14.17
C THR A 177 -0.82 -18.90 14.07
N GLY A 178 -0.30 -18.75 12.86
CA GLY A 178 0.95 -19.38 12.48
C GLY A 178 0.63 -20.72 11.82
N THR A 179 -0.26 -21.49 12.46
CA THR A 179 -0.76 -22.80 11.97
C THR A 179 -1.63 -22.66 10.71
N LYS A 180 -1.86 -23.78 10.01
CA LYS A 180 -2.50 -23.77 8.69
C LYS A 180 -3.74 -24.67 8.60
N SER A 181 -3.72 -25.77 9.32
CA SER A 181 -4.87 -26.65 9.36
C SER A 181 -6.08 -25.78 9.75
N VAL A 182 -5.84 -24.92 10.74
CA VAL A 182 -6.90 -24.20 11.42
C VAL A 182 -7.27 -22.98 10.61
N GLU A 183 -6.24 -22.35 10.05
CA GLU A 183 -6.36 -21.08 9.39
C GLU A 183 -7.17 -21.13 8.08
N GLU A 184 -7.39 -22.34 7.58
CA GLU A 184 -8.17 -22.59 6.39
C GLU A 184 -9.63 -22.74 6.78
N ALA A 185 -9.85 -23.36 7.94
CA ALA A 185 -11.18 -23.50 8.47
C ALA A 185 -11.70 -22.13 8.84
N ILE A 186 -10.83 -21.28 9.39
CA ILE A 186 -11.21 -19.89 9.69
C ILE A 186 -11.67 -19.19 8.41
N LEU A 187 -11.05 -19.57 7.30
CA LEU A 187 -11.32 -18.93 5.99
C LEU A 187 -12.64 -19.42 5.39
N GLN A 188 -12.85 -20.73 5.51
CA GLN A 188 -14.07 -21.40 5.10
C GLN A 188 -15.33 -20.82 5.78
N ASP A 189 -15.23 -20.56 7.07
CA ASP A 189 -16.34 -19.94 7.83
C ASP A 189 -16.70 -18.57 7.35
N LYS A 190 -15.70 -17.82 6.90
CA LYS A 190 -15.96 -16.47 6.55
C LYS A 190 -16.60 -16.48 5.16
N VAL A 191 -16.15 -17.36 4.27
CA VAL A 191 -16.87 -17.61 3.01
C VAL A 191 -18.34 -17.89 3.37
N LYS A 192 -18.57 -18.76 4.36
CA LYS A 192 -19.94 -19.09 4.74
C LYS A 192 -20.81 -17.94 5.26
N GLU A 193 -20.28 -17.09 6.14
CA GLU A 193 -20.93 -15.80 6.46
C GLU A 193 -21.23 -15.00 5.19
N ILE A 194 -20.26 -14.86 4.30
CA ILE A 194 -20.47 -13.98 3.17
C ILE A 194 -21.66 -14.51 2.39
N ARG A 195 -21.60 -15.79 2.04
CA ARG A 195 -22.62 -16.52 1.24
C ARG A 195 -24.09 -16.29 1.65
N SER A 196 -24.28 -16.05 2.96
CA SER A 196 -25.61 -15.84 3.46
C SER A 196 -26.04 -14.37 3.46
N PHE A 197 -25.26 -13.48 2.82
CA PHE A 197 -25.66 -12.05 2.69
C PHE A 197 -25.64 -11.56 1.26
N THR A 198 -25.02 -12.34 0.38
CA THR A 198 -24.95 -12.01 -1.03
C THR A 198 -24.79 -13.30 -1.78
N ASN A 199 -25.27 -13.31 -3.03
CA ASN A 199 -25.05 -14.43 -3.90
C ASN A 199 -23.96 -14.08 -4.90
N LEU A 200 -23.20 -13.03 -4.61
CA LEU A 200 -22.12 -12.66 -5.52
C LEU A 200 -21.00 -13.68 -5.53
N PRO A 201 -20.31 -13.87 -6.65
CA PRO A 201 -19.16 -14.80 -6.50
C PRO A 201 -18.09 -14.23 -5.56
N ILE A 202 -17.35 -15.10 -4.88
CA ILE A 202 -16.36 -14.64 -3.92
C ILE A 202 -14.96 -15.09 -4.37
N PHE A 203 -14.07 -14.12 -4.57
CA PHE A 203 -12.70 -14.39 -5.01
C PHE A 203 -11.75 -14.11 -3.85
N VAL A 204 -10.83 -15.05 -3.60
CA VAL A 204 -9.96 -15.04 -2.41
C VAL A 204 -8.54 -14.77 -2.89
N GLY A 205 -7.87 -13.82 -2.22
CA GLY A 205 -6.51 -13.45 -2.56
C GLY A 205 -5.68 -13.18 -1.30
N PHE A 206 -4.42 -12.75 -1.52
CA PHE A 206 -3.39 -12.58 -0.49
C PHE A 206 -2.81 -13.91 -0.08
N GLY A 207 -1.50 -14.08 -0.27
CA GLY A 207 -0.82 -15.32 0.19
C GLY A 207 -0.72 -16.46 -0.81
N ILE A 208 -1.31 -16.30 -1.98
CA ILE A 208 -1.40 -17.40 -2.92
C ILE A 208 -0.18 -17.30 -3.86
N GLN A 209 0.64 -18.35 -3.84
CA GLN A 209 1.99 -18.28 -4.43
C GLN A 209 2.40 -19.28 -5.51
N ASN A 210 1.79 -20.46 -5.57
CA ASN A 210 2.14 -21.44 -6.62
C ASN A 210 0.97 -22.40 -6.94
N ASN A 211 1.14 -23.31 -7.90
CA ASN A 211 0.02 -24.19 -8.32
C ASN A 211 -0.55 -24.97 -7.16
N GLN A 212 0.20 -25.08 -6.08
CA GLN A 212 -0.30 -25.82 -4.93
C GLN A 212 -1.27 -24.95 -4.10
N ASP A 213 -1.04 -23.64 -4.04
CA ASP A 213 -1.90 -22.74 -3.26
C ASP A 213 -3.19 -22.44 -4.00
N VAL A 214 -3.09 -22.39 -5.31
CA VAL A 214 -4.24 -22.32 -6.22
C VAL A 214 -5.17 -23.55 -6.16
N LYS A 215 -4.63 -24.77 -6.25
CA LYS A 215 -5.51 -25.95 -6.26
C LYS A 215 -6.27 -26.08 -4.94
N ARG A 216 -5.58 -25.67 -3.88
CA ARG A 216 -6.12 -25.57 -2.53
C ARG A 216 -7.20 -24.49 -2.43
N MSE A 217 -6.85 -23.30 -2.90
CA MSE A 217 -7.69 -22.15 -2.71
C MSE A 217 -8.93 -22.32 -3.52
O MSE A 217 -9.97 -21.76 -3.19
CB MSE A 217 -6.93 -20.89 -3.12
CG MSE A 217 -6.11 -20.31 -1.98
SE MSE A 217 -7.21 -19.98 -0.39
CE MSE A 217 -5.79 -19.39 0.83
N ARG A 218 -8.79 -23.11 -4.59
CA ARG A 218 -9.92 -23.49 -5.45
C ARG A 218 -11.06 -24.17 -4.69
N LYS A 219 -10.75 -24.85 -3.59
CA LYS A 219 -11.76 -25.59 -2.86
C LYS A 219 -12.50 -24.69 -1.86
N VAL A 220 -12.14 -23.41 -1.83
CA VAL A 220 -12.57 -22.52 -0.77
C VAL A 220 -13.67 -21.56 -1.20
N ALA A 221 -13.59 -21.06 -2.43
CA ALA A 221 -14.59 -20.11 -2.90
C ALA A 221 -14.85 -20.20 -4.41
N ASP A 222 -15.16 -19.08 -5.05
CA ASP A 222 -15.45 -19.09 -6.49
C ASP A 222 -14.31 -18.65 -7.40
N GLY A 223 -13.22 -18.20 -6.80
CA GLY A 223 -12.09 -17.74 -7.55
C GLY A 223 -10.83 -17.51 -6.71
N VAL A 224 -9.70 -17.43 -7.39
CA VAL A 224 -8.41 -17.29 -6.74
C VAL A 224 -7.62 -16.17 -7.36
N ILE A 225 -7.08 -15.31 -6.52
CA ILE A 225 -6.36 -14.12 -7.04
C ILE A 225 -4.89 -14.23 -6.69
N VAL A 226 -4.06 -14.23 -7.73
CA VAL A 226 -2.62 -14.31 -7.58
C VAL A 226 -2.04 -13.00 -8.07
N GLY A 227 -1.32 -12.32 -7.17
CA GLY A 227 -0.80 -10.97 -7.48
C GLY A 227 0.72 -11.01 -7.59
N THR A 228 1.39 -11.06 -6.46
CA THR A 228 2.77 -10.76 -6.41
C THR A 228 3.58 -11.79 -7.20
N SER A 229 3.17 -13.05 -7.12
CA SER A 229 3.77 -14.11 -7.91
C SER A 229 3.60 -13.90 -9.41
N ILE A 230 2.49 -13.31 -9.82
CA ILE A 230 2.36 -12.98 -11.24
C ILE A 230 3.40 -11.95 -11.67
N VAL A 231 3.51 -10.88 -10.88
CA VAL A 231 4.40 -9.78 -11.21
C VAL A 231 5.84 -10.22 -11.26
N LYS A 232 6.20 -11.18 -10.40
CA LYS A 232 7.56 -11.71 -10.39
C LYS A 232 7.96 -12.31 -11.75
N CYS A 233 6.98 -12.90 -12.42
CA CYS A 233 7.15 -13.53 -13.73
C CYS A 233 7.61 -12.54 -14.81
N PHE A 234 7.14 -11.29 -14.71
CA PHE A 234 7.48 -10.28 -15.68
C PHE A 234 8.87 -9.76 -15.46
N LYS A 235 9.51 -10.18 -14.38
CA LYS A 235 10.88 -9.78 -14.11
C LYS A 235 11.72 -10.20 -15.33
N GLN A 236 11.57 -11.44 -15.81
CA GLN A 236 12.10 -11.94 -17.10
C GLN A 236 11.84 -11.12 -18.36
N GLY A 237 12.61 -11.39 -19.41
CA GLY A 237 12.48 -10.62 -20.65
C GLY A 237 12.11 -11.43 -21.89
N ASN A 238 10.87 -11.96 -21.92
CA ASN A 238 10.50 -13.00 -22.86
C ASN A 238 9.12 -13.47 -22.53
N LEU A 239 8.15 -12.99 -23.29
CA LEU A 239 6.78 -13.39 -23.11
C LEU A 239 6.49 -14.90 -23.09
N ASP A 240 7.13 -15.66 -23.96
CA ASP A 240 6.85 -17.06 -24.00
C ASP A 240 6.96 -17.69 -22.61
N ILE A 241 8.00 -17.28 -21.88
CA ILE A 241 8.32 -17.88 -20.60
C ILE A 241 7.39 -17.35 -19.52
N ILE A 242 7.02 -16.07 -19.63
CA ILE A 242 6.07 -15.50 -18.70
C ILE A 242 4.76 -16.28 -18.77
N MSE A 243 4.22 -16.51 -19.97
CA MSE A 243 3.01 -17.33 -20.14
C MSE A 243 3.19 -18.78 -19.64
O MSE A 243 2.22 -19.37 -19.19
CB MSE A 243 2.54 -17.44 -21.60
CG MSE A 243 2.65 -16.19 -22.45
SE MSE A 243 1.53 -14.84 -21.71
CE MSE A 243 -0.13 -15.87 -21.53
N LYS A 244 4.37 -19.35 -19.76
CA LYS A 244 4.49 -20.72 -19.27
C LYS A 244 4.40 -20.75 -17.76
N ASP A 245 4.99 -19.72 -17.12
CA ASP A 245 4.98 -19.63 -15.68
C ASP A 245 3.56 -19.48 -15.18
N ILE A 246 2.89 -18.49 -15.76
CA ILE A 246 1.49 -18.27 -15.48
C ILE A 246 0.73 -19.56 -15.65
N GLU A 247 1.04 -20.29 -16.70
CA GLU A 247 0.38 -21.55 -17.03
C GLU A 247 0.55 -22.60 -15.95
N GLU A 248 1.78 -22.72 -15.44
CA GLU A 248 2.10 -23.59 -14.31
C GLU A 248 1.28 -23.13 -13.13
N ILE A 249 1.42 -21.86 -12.77
CA ILE A 249 0.76 -21.34 -11.56
C ILE A 249 -0.73 -21.68 -11.59
N PHE A 250 -1.31 -21.76 -12.78
CA PHE A 250 -2.74 -22.04 -12.88
C PHE A 250 -3.08 -23.49 -13.30
N ALA B 3 3.30 24.28 19.65
CA ALA B 3 4.48 24.78 18.86
C ALA B 3 4.88 23.77 17.76
N MSE B 4 5.12 24.28 16.53
CA MSE B 4 5.48 23.43 15.37
C MSE B 4 6.87 22.84 15.57
O MSE B 4 7.85 23.57 15.77
CB MSE B 4 5.38 24.18 14.03
CG MSE B 4 4.06 23.99 13.26
SE MSE B 4 3.70 22.19 12.47
CE MSE B 4 2.24 22.72 11.28
N VAL B 5 6.95 21.52 15.54
CA VAL B 5 8.18 20.83 15.93
C VAL B 5 9.35 21.18 14.97
N ASP B 6 10.50 21.54 15.54
CA ASP B 6 11.71 21.66 14.73
C ASP B 6 12.43 20.33 14.80
N PHE B 7 12.45 19.61 13.69
CA PHE B 7 12.99 18.27 13.69
C PHE B 7 14.47 18.19 13.92
N ARG B 8 15.18 19.24 13.52
CA ARG B 8 16.62 19.30 13.69
C ARG B 8 17.03 19.22 15.16
N LYS B 9 16.02 19.31 16.03
CA LYS B 9 16.21 19.18 17.50
C LYS B 9 16.19 17.73 18.00
N PHE B 10 16.04 16.77 17.08
CA PHE B 10 15.84 15.38 17.43
C PHE B 10 16.98 14.46 17.04
N TYR B 11 18.04 15.03 16.48
CA TYR B 11 19.18 14.26 15.99
C TYR B 11 20.44 15.12 15.92
N LYS B 12 21.61 14.50 15.86
CA LYS B 12 22.86 15.25 15.91
C LYS B 12 23.47 15.52 14.52
N GLU B 13 23.96 14.47 13.85
CA GLU B 13 24.45 14.65 12.48
C GLU B 13 23.34 14.20 11.54
N ASN B 14 23.02 12.92 11.61
CA ASN B 14 22.05 12.32 10.71
C ASN B 14 20.95 11.65 11.52
N ALA B 15 19.74 11.61 10.97
CA ALA B 15 18.64 11.05 11.75
C ALA B 15 18.44 9.59 11.45
N ASN B 16 18.32 8.79 12.50
CA ASN B 16 17.85 7.44 12.31
C ASN B 16 16.34 7.39 12.47
N VAL B 17 15.66 6.97 11.40
CA VAL B 17 14.20 6.98 11.40
C VAL B 17 13.76 5.57 11.14
N ALA B 18 12.74 5.13 11.83
CA ALA B 18 12.29 3.79 11.66
C ALA B 18 10.79 3.73 11.67
N TYR B 19 10.28 2.69 11.05
CA TYR B 19 8.87 2.46 11.03
C TYR B 19 8.60 1.10 11.67
N THR B 20 7.51 1.02 12.42
CA THR B 20 6.99 -0.26 12.92
C THR B 20 5.47 -0.25 12.84
N VAL B 21 4.91 -1.44 12.84
CA VAL B 21 3.47 -1.60 12.88
C VAL B 21 3.07 -1.88 14.35
N LEU B 22 2.29 -0.99 14.92
CA LEU B 22 1.80 -1.13 16.27
C LEU B 22 0.91 -2.35 16.33
N GLY B 23 1.12 -3.19 17.34
CA GLY B 23 0.29 -4.40 17.52
C GLY B 23 0.87 -5.67 16.90
N TYR B 24 2.09 -5.59 16.38
CA TYR B 24 2.72 -6.69 15.74
C TYR B 24 4.03 -7.10 16.46
N PRO B 25 4.13 -8.37 16.94
CA PRO B 25 3.19 -9.45 16.81
C PRO B 25 2.06 -9.40 17.84
N ASN B 26 2.17 -8.45 18.78
CA ASN B 26 1.10 -8.10 19.68
C ASN B 26 1.36 -6.73 20.32
N LEU B 27 0.33 -6.19 20.97
CA LEU B 27 0.37 -4.86 21.49
C LEU B 27 1.39 -4.74 22.61
N GLN B 28 1.48 -5.78 23.42
CA GLN B 28 2.41 -5.74 24.54
CA GLN B 28 2.40 -5.80 24.55
C GLN B 28 3.86 -5.60 24.09
N THR B 29 4.19 -6.15 22.92
CA THR B 29 5.56 -6.05 22.38
C THR B 29 5.81 -4.64 21.82
N SER B 30 4.75 -4.04 21.30
CA SER B 30 4.78 -2.65 20.82
C SER B 30 4.97 -1.74 22.03
N GLU B 31 4.20 -1.99 23.10
CA GLU B 31 4.39 -1.28 24.37
C GLU B 31 5.80 -1.42 24.96
N ALA B 32 6.33 -2.62 25.03
CA ALA B 32 7.64 -2.77 25.64
C ALA B 32 8.68 -2.12 24.73
N PHE B 33 8.48 -2.23 23.42
CA PHE B 33 9.32 -1.51 22.46
C PHE B 33 9.38 -0.01 22.77
N LEU B 34 8.22 0.62 22.80
CA LEU B 34 8.11 2.08 23.00
C LEU B 34 8.79 2.53 24.28
N GLN B 35 8.59 1.76 25.34
CA GLN B 35 9.21 2.10 26.58
C GLN B 35 10.72 2.07 26.49
N ARG B 36 11.26 1.35 25.52
CA ARG B 36 12.72 1.25 25.41
C ARG B 36 13.29 2.17 24.33
N LEU B 37 12.44 3.01 23.79
CA LEU B 37 12.82 3.83 22.64
C LEU B 37 13.95 4.79 23.01
N ASP B 38 13.88 5.35 24.20
CA ASP B 38 14.95 6.20 24.74
C ASP B 38 16.34 5.58 24.69
N GLN B 39 16.45 4.27 24.86
CA GLN B 39 17.77 3.64 24.76
C GLN B 39 18.11 3.03 23.42
N SER B 40 17.23 3.19 22.42
CA SER B 40 17.57 2.65 21.10
C SER B 40 18.22 3.77 20.28
N PRO B 41 18.97 3.44 19.22
CA PRO B 41 19.61 4.55 18.50
C PRO B 41 18.67 5.27 17.50
N ILE B 42 17.38 4.96 17.56
CA ILE B 42 16.37 5.60 16.70
C ILE B 42 15.97 6.97 17.25
N ASP B 43 15.99 7.99 16.39
CA ASP B 43 15.73 9.37 16.77
C ASP B 43 14.26 9.72 16.55
N ILE B 44 13.67 9.18 15.49
CA ILE B 44 12.29 9.45 15.14
C ILE B 44 11.64 8.14 14.78
N LEU B 45 10.54 7.80 15.44
CA LEU B 45 9.81 6.60 15.09
C LEU B 45 8.54 6.89 14.34
N GLU B 46 8.33 6.17 13.25
CA GLU B 46 7.04 6.24 12.55
C GLU B 46 6.13 5.09 12.99
N LEU B 47 4.88 5.40 13.30
CA LEU B 47 4.02 4.42 13.90
C LEU B 47 2.93 4.09 12.90
N GLY B 48 3.06 2.93 12.25
CA GLY B 48 2.04 2.46 11.36
C GLY B 48 0.89 1.93 12.17
N VAL B 49 -0.33 2.39 11.90
CA VAL B 49 -1.44 1.67 12.51
C VAL B 49 -2.02 0.75 11.44
N ALA B 50 -3.10 0.02 11.80
CA ALA B 50 -3.92 -0.69 10.80
C ALA B 50 -5.44 -0.38 11.03
N TYR B 51 -6.19 0.03 9.98
CA TYR B 51 -7.65 0.26 10.15
C TYR B 51 -8.47 -0.75 9.36
N SER B 52 -8.22 -0.80 8.05
CA SER B 52 -8.79 -1.83 7.18
CA SER B 52 -8.79 -1.81 7.15
C SER B 52 -7.68 -2.74 6.68
N ASP B 53 -7.96 -4.05 6.65
CA ASP B 53 -6.94 -5.00 6.23
C ASP B 53 -6.35 -4.69 4.85
N PRO B 54 -5.02 -4.54 4.78
CA PRO B 54 -4.24 -4.38 3.54
C PRO B 54 -4.53 -5.36 2.42
N ILE B 55 -4.80 -4.79 1.26
CA ILE B 55 -5.24 -5.50 0.08
C ILE B 55 -4.12 -6.26 -0.61
N ALA B 56 -2.90 -5.85 -0.32
CA ALA B 56 -1.66 -6.52 -0.73
C ALA B 56 -1.70 -8.07 -1.02
N ASP B 57 -0.56 -8.64 -1.41
CA ASP B 57 -0.41 -10.11 -1.59
C ASP B 57 0.87 -10.72 -0.92
N GLY B 58 0.81 -10.95 0.39
CA GLY B 58 1.89 -11.67 1.11
C GLY B 58 2.92 -10.85 1.88
N GLU B 59 2.93 -9.53 1.67
CA GLU B 59 3.97 -8.62 2.19
C GLU B 59 4.23 -8.53 3.70
N ILE B 60 5.51 -8.36 4.05
CA ILE B 60 5.92 -8.14 5.45
C ILE B 60 4.94 -7.26 6.21
N ILE B 61 4.76 -6.02 5.70
CA ILE B 61 3.95 -5.03 6.41
C ILE B 61 2.46 -5.41 6.53
N ALA B 62 1.96 -6.17 5.54
CA ALA B 62 0.53 -6.47 5.52
C ALA B 62 0.19 -7.55 6.53
N ASP B 63 0.89 -8.65 6.42
CA ASP B 63 0.89 -9.62 7.51
C ASP B 63 0.84 -8.99 8.90
N ALA B 64 1.73 -8.01 9.15
CA ALA B 64 1.83 -7.34 10.46
C ALA B 64 0.48 -6.72 10.83
N ALA B 65 -0.11 -6.09 9.81
CA ALA B 65 -1.37 -5.37 9.98
C ALA B 65 -2.59 -6.30 10.16
N LYS B 66 -2.61 -7.46 9.47
CA LYS B 66 -3.67 -8.43 9.71
C LYS B 66 -3.50 -8.94 11.11
N ILE B 67 -2.26 -9.21 11.48
CA ILE B 67 -2.00 -9.71 12.82
C ILE B 67 -2.48 -8.69 13.85
N ALA B 68 -2.14 -7.41 13.67
CA ALA B 68 -2.59 -6.42 14.61
C ALA B 68 -4.11 -6.43 14.65
N LEU B 69 -4.74 -6.47 13.47
CA LEU B 69 -6.19 -6.34 13.34
C LEU B 69 -6.96 -7.46 14.00
N ASP B 70 -6.58 -8.70 13.75
CA ASP B 70 -7.30 -9.81 14.39
C ASP B 70 -6.98 -9.95 15.90
N GLN B 71 -5.88 -9.31 16.30
CA GLN B 71 -5.39 -9.30 17.65
C GLN B 71 -6.20 -8.17 18.33
N GLY B 72 -6.89 -7.35 17.52
CA GLY B 72 -7.92 -6.43 18.05
C GLY B 72 -7.41 -5.02 18.16
N VAL B 73 -6.16 -4.81 17.71
CA VAL B 73 -5.50 -3.49 17.70
C VAL B 73 -6.12 -2.49 16.70
N ASP B 74 -6.89 -1.56 17.27
CA ASP B 74 -7.47 -0.44 16.52
C ASP B 74 -6.91 0.87 17.07
N ILE B 75 -7.26 1.98 16.41
CA ILE B 75 -6.63 3.23 16.75
C ILE B 75 -6.94 3.59 18.20
N HIS B 76 -8.07 3.09 18.69
CA HIS B 76 -8.49 3.39 20.04
C HIS B 76 -7.50 2.85 21.04
N SER B 77 -7.07 1.60 20.82
CA SER B 77 -6.18 0.94 21.75
C SER B 77 -4.72 1.48 21.60
N VAL B 78 -4.36 1.91 20.39
CA VAL B 78 -3.13 2.72 20.15
C VAL B 78 -3.12 4.04 20.93
N PHE B 79 -4.16 4.86 20.76
CA PHE B 79 -4.28 6.06 21.56
C PHE B 79 -4.14 5.73 23.06
N GLU B 80 -4.80 4.64 23.49
CA GLU B 80 -4.70 4.19 24.89
C GLU B 80 -3.26 3.83 25.29
N LEU B 81 -2.54 3.22 24.36
CA LEU B 81 -1.14 2.87 24.52
C LEU B 81 -0.18 4.04 24.57
N LEU B 82 -0.35 4.98 23.64
CA LEU B 82 0.45 6.20 23.64
C LEU B 82 0.41 6.99 24.93
N ALA B 83 -0.68 6.85 25.69
CA ALA B 83 -0.85 7.62 26.92
C ALA B 83 -0.08 6.98 28.06
N ARG B 84 0.19 5.69 27.96
CA ARG B 84 1.02 5.06 28.98
C ARG B 84 2.52 5.01 28.67
N ILE B 85 2.94 5.69 27.62
CA ILE B 85 4.31 5.62 27.13
C ILE B 85 5.07 6.89 27.49
N LYS B 86 6.29 6.73 27.98
CA LYS B 86 7.14 7.90 28.12
C LYS B 86 8.41 7.75 27.30
N THR B 87 8.58 8.65 26.34
CA THR B 87 9.82 8.66 25.55
C THR B 87 10.21 10.09 25.24
N LYS B 88 11.47 10.30 24.89
CA LYS B 88 11.92 11.63 24.46
C LYS B 88 11.99 11.74 22.94
N LYS B 89 11.92 10.61 22.27
CA LYS B 89 12.05 10.59 20.81
C LYS B 89 10.78 11.08 20.10
N ALA B 90 10.93 11.48 18.84
CA ALA B 90 9.80 11.97 18.06
C ALA B 90 8.90 10.82 17.59
N LEU B 91 7.60 11.00 17.81
CA LEU B 91 6.58 10.07 17.35
C LEU B 91 5.79 10.64 16.16
N VAL B 92 5.74 9.88 15.07
CA VAL B 92 5.11 10.28 13.84
C VAL B 92 4.14 9.17 13.37
N PHE B 93 2.86 9.51 13.20
CA PHE B 93 1.93 8.59 12.59
C PHE B 93 2.21 8.42 11.12
N MSE B 94 2.13 7.19 10.66
CA MSE B 94 2.01 6.92 9.26
C MSE B 94 0.79 6.01 9.17
O MSE B 94 0.83 4.89 9.59
CB MSE B 94 3.28 6.27 8.73
CG MSE B 94 3.22 5.74 7.35
SE MSE B 94 5.08 5.78 6.73
CE MSE B 94 4.93 4.80 5.12
N VAL B 95 -0.31 6.56 8.68
CA VAL B 95 -1.57 5.85 8.52
C VAL B 95 -2.17 6.20 7.16
N TYR B 96 -3.01 5.35 6.65
CA TYR B 96 -3.82 5.71 5.52
C TYR B 96 -4.94 6.60 5.97
N TYR B 97 -5.42 7.41 5.04
CA TYR B 97 -6.45 8.40 5.29
C TYR B 97 -7.76 7.80 5.78
N ASN B 98 -8.05 6.55 5.39
CA ASN B 98 -9.27 5.90 5.77
C ASN B 98 -9.40 5.80 7.29
N LEU B 99 -8.29 5.62 7.99
CA LEU B 99 -8.30 5.56 9.41
C LEU B 99 -8.73 6.93 9.97
N ILE B 100 -8.20 7.99 9.36
CA ILE B 100 -8.38 9.36 9.83
C ILE B 100 -9.82 9.78 9.57
N PHE B 101 -10.24 9.71 8.33
CA PHE B 101 -11.64 9.89 7.96
C PHE B 101 -12.70 9.28 8.89
N SER B 102 -12.50 8.03 9.26
CA SER B 102 -13.38 7.26 10.15
C SER B 102 -13.45 7.82 11.58
N TYR B 103 -12.30 8.20 12.09
CA TYR B 103 -12.21 8.83 13.38
C TYR B 103 -12.82 10.22 13.44
N GLY B 104 -12.74 10.97 12.33
CA GLY B 104 -13.11 12.39 12.23
C GLY B 104 -11.82 13.20 12.18
N LEU B 105 -11.67 14.07 11.21
CA LEU B 105 -10.39 14.73 10.95
C LEU B 105 -9.81 15.56 12.11
N GLU B 106 -10.65 16.45 12.62
CA GLU B 106 -10.35 17.23 13.79
C GLU B 106 -10.08 16.36 15.01
N LYS B 107 -11.03 15.49 15.37
CA LYS B 107 -10.87 14.62 16.56
C LYS B 107 -9.49 13.91 16.57
N PHE B 108 -9.13 13.36 15.40
CA PHE B 108 -7.88 12.63 15.21
C PHE B 108 -6.63 13.47 15.51
N VAL B 109 -6.59 14.65 14.90
CA VAL B 109 -5.41 15.48 14.90
C VAL B 109 -5.14 16.02 16.28
N LYS B 110 -6.19 16.50 16.95
CA LYS B 110 -6.11 16.97 18.32
C LYS B 110 -5.61 15.84 19.24
N LYS B 111 -6.24 14.68 19.12
CA LYS B 111 -5.81 13.53 19.90
C LYS B 111 -4.34 13.21 19.71
N ALA B 112 -3.94 13.02 18.45
CA ALA B 112 -2.56 12.77 18.11
C ALA B 112 -1.61 13.77 18.79
N LYS B 113 -1.99 15.05 18.76
CA LYS B 113 -1.17 16.12 19.32
C LYS B 113 -1.11 16.10 20.84
N SER B 114 -2.23 15.78 21.48
CA SER B 114 -2.23 15.71 22.94
C SER B 114 -1.39 14.54 23.41
N LEU B 115 -1.16 13.57 22.50
CA LEU B 115 -0.40 12.39 22.86
C LEU B 115 1.04 12.43 22.38
N GLY B 116 1.56 13.64 22.11
CA GLY B 116 2.96 13.81 21.69
C GLY B 116 3.35 13.43 20.27
N ILE B 117 2.38 13.06 19.45
CA ILE B 117 2.63 12.89 18.02
C ILE B 117 2.89 14.27 17.41
N CYS B 118 3.94 14.36 16.59
CA CYS B 118 4.40 15.64 16.09
C CYS B 118 4.22 15.77 14.58
N ALA B 119 3.87 14.67 13.90
CA ALA B 119 3.69 14.67 12.43
C ALA B 119 2.91 13.48 11.90
N LEU B 120 2.29 13.64 10.73
CA LEU B 120 1.58 12.57 10.08
C LEU B 120 2.15 12.40 8.71
N ILE B 121 2.32 11.16 8.28
CA ILE B 121 2.59 10.83 6.92
C ILE B 121 1.37 10.03 6.44
N VAL B 122 0.71 10.47 5.36
CA VAL B 122 -0.48 9.76 4.87
C VAL B 122 -0.18 9.28 3.46
N PRO B 123 0.16 7.98 3.33
CA PRO B 123 0.45 7.42 2.05
C PRO B 123 -0.77 7.54 1.19
N GLU B 124 -0.50 7.83 -0.09
CA GLU B 124 -1.48 7.88 -1.15
C GLU B 124 -2.52 9.01 -0.97
N LEU B 125 -2.29 9.90 0.01
CA LEU B 125 -3.05 11.14 0.04
C LEU B 125 -2.25 12.14 -0.77
N SER B 126 -2.66 12.42 -2.00
CA SER B 126 -1.95 13.43 -2.79
C SER B 126 -2.15 14.84 -2.20
N PHE B 127 -1.29 15.77 -2.64
CA PHE B 127 -1.35 17.12 -2.11
C PHE B 127 -2.74 17.77 -2.34
N GLU B 128 -3.25 17.58 -3.53
CA GLU B 128 -4.52 18.12 -3.96
C GLU B 128 -5.71 17.65 -3.10
N GLU B 129 -5.58 16.47 -2.47
CA GLU B 129 -6.65 15.88 -1.64
C GLU B 129 -6.51 16.32 -0.20
N SER B 130 -5.36 16.90 0.10
CA SER B 130 -4.99 17.17 1.49
C SER B 130 -5.67 18.33 2.19
N ASP B 131 -6.42 19.16 1.47
CA ASP B 131 -6.77 20.50 1.95
C ASP B 131 -7.34 20.50 3.35
N ASP B 132 -8.30 19.61 3.60
CA ASP B 132 -9.00 19.59 4.87
C ASP B 132 -8.15 19.05 6.01
N LEU B 133 -7.27 18.08 5.72
CA LEU B 133 -6.36 17.56 6.73
C LEU B 133 -5.33 18.63 7.07
N ILE B 134 -4.83 19.32 6.03
CA ILE B 134 -3.84 20.35 6.21
C ILE B 134 -4.39 21.43 7.14
N LYS B 135 -5.67 21.72 6.98
CA LYS B 135 -6.29 22.76 7.75
C LYS B 135 -6.22 22.38 9.22
N GLU B 136 -6.63 21.17 9.54
CA GLU B 136 -6.51 20.72 10.91
C GLU B 136 -5.07 20.63 11.37
N CYS B 137 -4.14 20.20 10.53
CA CYS B 137 -2.74 20.17 10.99
C CYS B 137 -2.19 21.58 11.32
N GLU B 138 -2.33 22.57 10.44
CA GLU B 138 -1.95 23.95 10.82
C GLU B 138 -2.56 24.28 12.17
N ARG B 139 -3.85 23.99 12.31
CA ARG B 139 -4.63 24.34 13.51
C ARG B 139 -4.03 23.83 14.83
N TYR B 140 -3.44 22.63 14.82
CA TYR B 140 -2.89 22.04 16.05
C TYR B 140 -1.35 21.94 16.07
N ASN B 141 -0.72 22.60 15.10
CA ASN B 141 0.73 22.59 14.96
C ASN B 141 1.31 21.19 14.81
N ILE B 142 0.73 20.45 13.87
CA ILE B 142 1.17 19.12 13.50
C ILE B 142 1.53 19.29 12.05
N ALA B 143 2.67 18.73 11.68
CA ALA B 143 3.08 18.77 10.32
C ALA B 143 2.47 17.59 9.55
N LEU B 144 1.94 17.89 8.37
CA LEU B 144 1.58 16.91 7.34
C LEU B 144 2.74 16.78 6.35
N ILE B 145 3.39 15.63 6.36
CA ILE B 145 4.71 15.48 5.80
C ILE B 145 4.60 15.33 4.31
N THR B 146 5.51 16.00 3.59
CA THR B 146 5.50 16.14 2.16
C THR B 146 6.44 15.13 1.53
N LEU B 147 5.95 14.44 0.50
CA LEU B 147 6.70 13.41 -0.18
C LEU B 147 7.17 13.88 -1.50
N VAL B 148 8.42 13.59 -1.85
CA VAL B 148 8.88 13.87 -3.21
C VAL B 148 9.71 12.68 -3.69
N SER B 149 9.81 12.49 -5.01
CA SER B 149 10.66 11.48 -5.61
C SER B 149 11.77 12.12 -6.38
N VAL B 150 12.66 11.27 -6.86
CA VAL B 150 13.75 11.69 -7.69
C VAL B 150 13.21 12.24 -9.02
N THR B 151 11.99 11.84 -9.38
CA THR B 151 11.42 12.17 -10.68
C THR B 151 10.40 13.30 -10.64
N THR B 152 9.98 13.72 -9.46
CA THR B 152 9.00 14.78 -9.32
C THR B 152 9.60 15.99 -9.96
N PRO B 153 8.87 16.63 -10.91
CA PRO B 153 9.32 17.82 -11.64
C PRO B 153 9.87 18.92 -10.74
N LYS B 154 10.92 19.59 -11.21
CA LYS B 154 11.54 20.68 -10.44
C LYS B 154 10.49 21.65 -9.93
N GLU B 155 9.63 22.15 -10.82
CA GLU B 155 8.58 23.10 -10.45
C GLU B 155 7.54 22.52 -9.47
N ARG B 156 7.28 21.22 -9.57
CA ARG B 156 6.35 20.61 -8.65
C ARG B 156 7.00 20.49 -7.25
N VAL B 157 8.33 20.37 -7.22
CA VAL B 157 9.05 20.27 -5.95
C VAL B 157 9.07 21.63 -5.25
N LYS B 158 9.42 22.68 -5.99
CA LYS B 158 9.39 24.04 -5.47
C LYS B 158 8.01 24.33 -4.83
N LYS B 159 6.95 24.03 -5.57
CA LYS B 159 5.61 24.18 -5.05
C LYS B 159 5.26 23.29 -3.81
N LEU B 160 5.72 22.04 -3.76
CA LEU B 160 5.41 21.19 -2.60
C LEU B 160 6.17 21.60 -1.36
N VAL B 161 7.41 22.07 -1.52
CA VAL B 161 8.26 22.25 -0.36
C VAL B 161 8.37 23.67 0.17
N LYS B 162 8.16 24.65 -0.68
CA LYS B 162 8.38 26.05 -0.27
C LYS B 162 7.65 26.35 1.04
N HIS B 163 6.48 25.75 1.21
CA HIS B 163 5.61 26.01 2.36
C HIS B 163 5.38 24.80 3.27
N ALA B 164 6.24 23.78 3.19
CA ALA B 164 6.07 22.53 3.94
C ALA B 164 6.54 22.66 5.39
N LYS B 165 6.25 21.65 6.20
CA LYS B 165 6.59 21.64 7.60
C LYS B 165 7.15 20.25 7.99
N GLY B 166 8.02 20.21 8.98
CA GLY B 166 8.57 18.94 9.47
C GLY B 166 9.87 18.52 8.82
N PHE B 167 9.77 17.62 7.84
CA PHE B 167 10.92 17.18 7.05
C PHE B 167 10.42 16.83 5.67
N ILE B 168 11.28 16.84 4.66
CA ILE B 168 10.90 16.36 3.35
C ILE B 168 11.19 14.89 3.29
N TYR B 169 10.22 14.12 2.80
CA TYR B 169 10.35 12.70 2.65
C TYR B 169 10.72 12.49 1.22
N LEU B 170 12.02 12.36 0.97
CA LEU B 170 12.56 11.97 -0.34
C LEU B 170 12.55 10.45 -0.59
N LEU B 171 11.62 9.96 -1.40
CA LEU B 171 11.64 8.57 -1.79
C LEU B 171 12.87 8.35 -2.64
N ALA B 172 13.37 7.13 -2.61
CA ALA B 172 14.51 6.77 -3.38
C ALA B 172 13.96 5.95 -4.52
N SER B 173 14.66 5.92 -5.64
CA SER B 173 14.21 5.18 -6.80
C SER B 173 15.04 3.95 -6.91
N ILE B 174 14.51 2.94 -7.59
CA ILE B 174 15.28 1.75 -7.84
C ILE B 174 15.43 1.55 -9.33
N GLY B 175 14.64 2.27 -10.11
CA GLY B 175 14.45 1.91 -11.51
C GLY B 175 14.58 2.97 -12.60
N ILE B 176 15.15 4.12 -12.25
CA ILE B 176 15.43 5.12 -13.28
C ILE B 176 16.60 4.61 -14.13
N THR B 177 17.47 3.82 -13.48
CA THR B 177 18.37 2.92 -14.22
C THR B 177 18.35 1.49 -13.67
N GLY B 178 18.02 1.34 -12.38
CA GLY B 178 18.14 0.03 -11.75
C GLY B 178 19.57 -0.34 -11.38
N THR B 179 20.55 0.29 -12.06
CA THR B 179 22.01 0.16 -11.77
C THR B 179 22.48 1.14 -10.65
N LYS B 180 23.20 0.61 -9.64
CA LYS B 180 23.25 1.18 -8.27
C LYS B 180 23.90 2.56 -8.01
N SER B 181 25.24 2.61 -7.99
CA SER B 181 25.97 3.81 -7.52
C SER B 181 25.71 5.08 -8.36
N VAL B 182 25.00 4.92 -9.47
CA VAL B 182 24.50 6.04 -10.26
C VAL B 182 23.32 6.67 -9.54
N GLU B 183 22.25 5.88 -9.41
CA GLU B 183 21.06 6.19 -8.57
C GLU B 183 21.42 6.84 -7.21
N GLU B 184 22.60 6.53 -6.66
CA GLU B 184 23.10 7.30 -5.52
C GLU B 184 23.33 8.78 -5.88
N ALA B 185 24.28 9.09 -6.76
CA ALA B 185 24.52 10.49 -7.24
C ALA B 185 23.27 11.26 -7.72
N ILE B 186 22.36 10.56 -8.39
CA ILE B 186 21.08 11.16 -8.75
C ILE B 186 20.38 11.77 -7.53
N LEU B 187 20.41 11.03 -6.43
CA LEU B 187 19.75 11.42 -5.18
C LEU B 187 20.37 12.67 -4.59
N GLN B 188 21.69 12.70 -4.54
CA GLN B 188 22.39 13.90 -4.12
C GLN B 188 22.04 15.11 -5.01
N ASP B 189 21.72 14.85 -6.28
CA ASP B 189 21.19 15.92 -7.16
C ASP B 189 19.84 16.37 -6.69
N LYS B 190 18.95 15.42 -6.39
CA LYS B 190 17.61 15.80 -6.00
C LYS B 190 17.60 16.56 -4.65
N VAL B 191 18.44 16.12 -3.73
CA VAL B 191 18.65 16.80 -2.44
C VAL B 191 19.09 18.26 -2.59
N LYS B 192 20.16 18.48 -3.34
CA LYS B 192 20.60 19.82 -3.71
C LYS B 192 19.42 20.68 -4.22
N GLU B 193 18.62 20.11 -5.12
CA GLU B 193 17.51 20.80 -5.73
C GLU B 193 16.50 21.21 -4.65
N ILE B 194 16.12 20.28 -3.78
CA ILE B 194 15.19 20.56 -2.72
C ILE B 194 15.79 21.62 -1.82
N ARG B 195 17.06 21.46 -1.47
CA ARG B 195 17.74 22.44 -0.63
C ARG B 195 17.54 23.86 -1.15
N SER B 196 17.60 24.06 -2.47
CA SER B 196 17.49 25.41 -2.97
C SER B 196 16.06 26.01 -2.89
N PHE B 197 15.12 25.29 -2.28
CA PHE B 197 13.71 25.71 -2.13
C PHE B 197 13.23 25.74 -0.67
N THR B 198 13.84 24.88 0.16
CA THR B 198 13.54 24.81 1.58
C THR B 198 14.74 24.52 2.46
N ASN B 199 14.59 24.89 3.73
CA ASN B 199 15.62 24.70 4.74
C ASN B 199 15.36 23.49 5.66
N LEU B 200 14.20 22.85 5.49
CA LEU B 200 13.78 21.75 6.34
C LEU B 200 14.67 20.56 6.11
N PRO B 201 14.79 19.68 7.13
CA PRO B 201 15.55 18.46 6.96
C PRO B 201 15.00 17.51 5.87
N ILE B 202 15.92 16.82 5.20
CA ILE B 202 15.60 15.87 4.15
C ILE B 202 16.02 14.48 4.61
N PHE B 203 15.07 13.56 4.63
CA PHE B 203 15.25 12.17 5.04
C PHE B 203 14.88 11.25 3.88
N VAL B 204 15.76 10.30 3.57
CA VAL B 204 15.53 9.36 2.48
C VAL B 204 15.07 7.99 2.96
N GLY B 205 13.94 7.53 2.43
CA GLY B 205 13.39 6.23 2.73
C GLY B 205 12.92 5.46 1.49
N PHE B 206 12.66 4.17 1.69
CA PHE B 206 12.33 3.16 0.63
C PHE B 206 13.55 2.38 0.11
N GLY B 207 13.59 1.08 0.42
CA GLY B 207 14.62 0.19 -0.10
C GLY B 207 15.72 -0.15 0.89
N ILE B 208 15.95 0.75 1.84
CA ILE B 208 17.02 0.59 2.79
C ILE B 208 16.79 -0.73 3.55
N GLN B 209 17.85 -1.55 3.62
CA GLN B 209 17.76 -2.93 4.10
C GLN B 209 18.87 -3.40 5.03
N ASN B 210 20.11 -3.18 4.60
CA ASN B 210 21.30 -3.57 5.31
C ASN B 210 21.81 -2.35 6.12
N ASN B 211 23.00 -2.48 6.74
CA ASN B 211 23.64 -1.39 7.50
C ASN B 211 24.62 -0.51 6.74
N GLN B 212 25.54 -1.09 5.98
CA GLN B 212 26.47 -0.29 5.13
C GLN B 212 25.61 0.43 4.06
N ASP B 213 24.39 -0.10 3.87
CA ASP B 213 23.29 0.39 3.03
C ASP B 213 22.72 1.64 3.72
N VAL B 214 22.90 1.76 5.03
CA VAL B 214 22.45 2.97 5.69
C VAL B 214 23.60 3.93 5.90
N LYS B 215 24.81 3.41 6.03
CA LYS B 215 25.97 4.29 6.20
C LYS B 215 26.25 5.07 4.90
N ARG B 216 25.65 4.63 3.80
CA ARG B 216 25.83 5.34 2.53
C ARG B 216 24.74 6.39 2.30
N MSE B 217 23.50 6.02 2.55
CA MSE B 217 22.40 6.97 2.55
C MSE B 217 22.66 8.11 3.53
O MSE B 217 22.09 9.20 3.38
CB MSE B 217 21.10 6.26 2.91
CG MSE B 217 20.55 5.38 1.80
SE MSE B 217 19.93 6.43 0.25
CE MSE B 217 19.59 4.92 -0.95
N ARG B 218 23.53 7.85 4.52
CA ARG B 218 23.89 8.85 5.53
C ARG B 218 24.65 10.05 4.97
N LYS B 219 25.29 9.88 3.81
CA LYS B 219 25.97 11.03 3.19
C LYS B 219 25.17 11.63 2.06
N VAL B 220 23.89 11.29 2.01
CA VAL B 220 23.04 11.74 0.92
C VAL B 220 22.28 12.94 1.42
N ALA B 221 21.72 12.84 2.63
CA ALA B 221 20.85 13.89 3.18
C ALA B 221 21.04 14.16 4.67
N ASP B 222 19.93 14.27 5.41
CA ASP B 222 19.95 14.65 6.83
C ASP B 222 19.44 13.53 7.74
N GLY B 223 18.94 12.44 7.14
CA GLY B 223 18.27 11.35 7.87
C GLY B 223 18.05 10.14 6.99
N VAL B 224 17.70 9.00 7.59
CA VAL B 224 17.55 7.74 6.86
C VAL B 224 16.37 7.01 7.46
N ILE B 225 15.51 6.41 6.62
CA ILE B 225 14.25 5.81 7.07
C ILE B 225 14.20 4.32 6.74
N VAL B 226 14.30 3.44 7.76
CA VAL B 226 14.15 2.01 7.55
C VAL B 226 12.71 1.50 7.84
N GLY B 227 12.13 0.82 6.84
CA GLY B 227 10.73 0.33 6.92
C GLY B 227 10.55 -1.19 7.05
N THR B 228 10.27 -1.82 5.93
CA THR B 228 10.18 -3.27 5.80
C THR B 228 11.09 -4.00 6.78
N SER B 229 12.39 -3.73 6.70
CA SER B 229 13.41 -4.39 7.49
C SER B 229 13.23 -4.36 9.00
N ILE B 230 12.89 -3.19 9.56
CA ILE B 230 12.68 -3.06 10.99
C ILE B 230 11.51 -3.98 11.36
N VAL B 231 10.41 -3.84 10.64
CA VAL B 231 9.27 -4.72 10.86
C VAL B 231 9.72 -6.21 10.87
N LYS B 232 10.72 -6.56 10.06
CA LYS B 232 11.15 -7.95 9.96
C LYS B 232 11.82 -8.37 11.28
N CYS B 233 12.40 -7.40 11.98
CA CYS B 233 12.98 -7.64 13.31
C CYS B 233 11.90 -8.07 14.29
N PHE B 234 10.73 -7.48 14.19
CA PHE B 234 9.69 -7.79 15.13
C PHE B 234 9.10 -9.19 15.02
N LYS B 235 9.59 -10.00 14.09
CA LYS B 235 8.98 -11.30 13.92
C LYS B 235 9.57 -12.28 14.93
N GLN B 236 10.53 -11.80 15.72
CA GLN B 236 11.05 -12.55 16.84
C GLN B 236 10.22 -12.51 18.11
N GLY B 237 10.21 -13.62 18.82
CA GLY B 237 9.46 -13.68 20.05
C GLY B 237 10.34 -13.21 21.21
N ASN B 238 10.96 -12.02 21.04
CA ASN B 238 12.05 -11.60 21.92
C ASN B 238 12.43 -10.16 21.79
N LEU B 239 12.13 -9.36 22.80
CA LEU B 239 12.45 -7.96 22.68
C LEU B 239 13.95 -7.68 22.62
N ASP B 240 14.78 -8.47 23.28
CA ASP B 240 16.20 -8.17 23.28
C ASP B 240 16.82 -8.41 21.90
N ILE B 241 16.26 -9.37 21.18
CA ILE B 241 16.68 -9.73 19.83
C ILE B 241 16.16 -8.60 18.90
N ILE B 242 14.88 -8.25 19.00
CA ILE B 242 14.36 -7.15 18.18
C ILE B 242 15.23 -5.94 18.34
N MSE B 243 15.54 -5.61 19.57
CA MSE B 243 16.44 -4.52 19.91
C MSE B 243 17.85 -4.68 19.30
O MSE B 243 18.39 -3.74 18.73
CB MSE B 243 16.53 -4.47 21.44
CG MSE B 243 16.60 -3.12 22.03
SE MSE B 243 14.92 -2.15 21.85
CE MSE B 243 15.57 -0.66 22.95
N LYS B 244 18.47 -5.85 19.47
CA LYS B 244 19.85 -6.06 18.99
C LYS B 244 19.96 -5.86 17.47
N ASP B 245 18.99 -6.38 16.73
CA ASP B 245 18.90 -6.25 15.29
C ASP B 245 18.65 -4.80 14.82
N ILE B 246 17.99 -4.00 15.66
CA ILE B 246 17.77 -2.60 15.37
C ILE B 246 18.96 -1.74 15.73
N GLU B 247 20.01 -2.35 16.24
CA GLU B 247 21.18 -1.54 16.49
C GLU B 247 22.31 -2.03 15.59
N GLU B 248 22.01 -3.15 14.93
CA GLU B 248 22.84 -3.67 13.85
C GLU B 248 22.59 -2.77 12.65
N ILE B 249 21.33 -2.42 12.45
CA ILE B 249 20.97 -1.61 11.32
C ILE B 249 21.55 -0.19 11.43
N PHE B 250 21.63 0.39 12.63
CA PHE B 250 22.03 1.80 12.75
C PHE B 250 23.42 2.10 13.33
N LYS B 251 24.39 1.21 13.17
CA LYS B 251 25.76 1.51 13.61
C LYS B 251 26.40 2.69 12.84
#